data_3C1D
#
_entry.id   3C1D
#
_cell.length_a   55.549
_cell.length_b   71.757
_cell.length_c   74.657
_cell.angle_alpha   90.000
_cell.angle_beta   90.000
_cell.angle_gamma   90.000
#
_symmetry.space_group_name_H-M   'P 21 21 21'
#
loop_
_entity.id
_entity.type
_entity.pdbx_description
1 polymer 'Regulatory protein recX'
2 water water
#
_entity_poly.entity_id   1
_entity_poly.type   'polypeptide(L)'
_entity_poly.pdbx_seq_one_letter_code
;GPAYARLLDRAVRILAVRDHSEQELRRKLAAPIMGKNGPEEIDATAEDYERVIAWCHEHGYLDDSRFVARFIASRSRKGY
GPARIRQELNQKGISREATEKAMREADIDWAALARDQATRKYGEPLPTVFSEKVKIQRFLLYRGYLMEDIQDIWRNFAD
;
_entity_poly.pdbx_strand_id   A,B
#
# COMPACT_ATOMS: atom_id res chain seq x y z
N GLY A 1 -2.40 -22.18 -35.00
CA GLY A 1 -1.86 -23.56 -35.19
C GLY A 1 -2.02 -24.45 -33.96
N PRO A 2 -1.29 -25.59 -33.92
CA PRO A 2 -1.40 -26.53 -32.80
C PRO A 2 -1.10 -25.89 -31.43
N ALA A 3 -0.04 -25.07 -31.33
CA ALA A 3 0.31 -24.46 -30.02
C ALA A 3 -0.79 -23.54 -29.54
N TYR A 4 -1.29 -22.71 -30.46
CA TYR A 4 -2.38 -21.79 -30.20
C TYR A 4 -3.60 -22.53 -29.64
N ALA A 5 -4.00 -23.61 -30.29
CA ALA A 5 -5.22 -24.32 -29.91
C ALA A 5 -5.07 -25.00 -28.54
N ARG A 6 -3.89 -25.58 -28.29
CA ARG A 6 -3.57 -26.24 -27.02
C ARG A 6 -3.60 -25.22 -25.87
N LEU A 7 -2.97 -24.07 -26.10
CA LEU A 7 -2.92 -22.99 -25.11
C LEU A 7 -4.31 -22.36 -24.92
N LEU A 8 -5.11 -22.26 -26.00
CA LEU A 8 -6.48 -21.76 -25.89
C LEU A 8 -7.32 -22.66 -24.98
N ASP A 9 -7.19 -23.97 -25.19
CA ASP A 9 -7.92 -24.93 -24.37
C ASP A 9 -7.51 -24.76 -22.91
N ARG A 10 -6.20 -24.63 -22.68
CA ARG A 10 -5.69 -24.43 -21.33
C ARG A 10 -6.22 -23.14 -20.68
N ALA A 11 -6.23 -22.06 -21.46
CA ALA A 11 -6.68 -20.72 -20.99
C ALA A 11 -8.16 -20.72 -20.59
N VAL A 12 -9.00 -21.26 -21.49
CA VAL A 12 -10.44 -21.23 -21.28
C VAL A 12 -10.79 -22.10 -20.05
N ARG A 13 -10.16 -23.27 -19.94
CA ARG A 13 -10.34 -24.10 -18.76
C ARG A 13 -10.02 -23.39 -17.44
N ILE A 14 -8.97 -22.58 -17.45
CA ILE A 14 -8.58 -21.81 -16.27
C ILE A 14 -9.64 -20.71 -15.99
N LEU A 15 -10.01 -19.99 -17.05
CA LEU A 15 -10.88 -18.81 -16.93
C LEU A 15 -12.36 -19.15 -16.71
N ALA A 16 -12.78 -20.32 -17.18
CA ALA A 16 -14.17 -20.73 -16.99
C ALA A 16 -14.47 -20.94 -15.51
N VAL A 17 -13.42 -21.15 -14.70
CA VAL A 17 -13.56 -21.47 -13.28
C VAL A 17 -13.92 -20.24 -12.45
N ARG A 18 -13.19 -19.15 -12.68
CA ARG A 18 -13.34 -17.91 -11.92
C ARG A 18 -12.56 -16.77 -12.57
N ASP A 19 -12.82 -15.55 -12.12
CA ASP A 19 -12.20 -14.37 -12.73
C ASP A 19 -10.71 -14.32 -12.42
N HIS A 20 -9.91 -14.07 -13.45
CA HIS A 20 -8.48 -13.72 -13.32
C HIS A 20 -8.15 -12.38 -13.98
N SER A 21 -7.16 -11.66 -13.44
CA SER A 21 -6.58 -10.58 -14.24
C SER A 21 -5.79 -11.19 -15.40
N GLU A 22 -5.52 -10.37 -16.43
CA GLU A 22 -4.70 -10.86 -17.54
C GLU A 22 -3.35 -11.39 -17.00
N GLN A 23 -2.69 -10.63 -16.13
CA GLN A 23 -1.42 -11.11 -15.53
C GLN A 23 -1.56 -12.42 -14.72
N GLU A 24 -2.64 -12.58 -13.94
CA GLU A 24 -2.87 -13.88 -13.27
C GLU A 24 -3.01 -15.03 -14.29
N LEU A 25 -3.70 -14.77 -15.40
CA LEU A 25 -3.83 -15.77 -16.48
C LEU A 25 -2.45 -16.11 -17.05
N ARG A 26 -1.63 -15.09 -17.34
CA ARG A 26 -0.22 -15.37 -17.80
C ARG A 26 0.61 -16.28 -16.86
N ARG A 27 0.62 -15.97 -15.58
CA ARG A 27 1.28 -16.84 -14.58
C ARG A 27 0.82 -18.29 -14.61
N LYS A 28 -0.47 -18.50 -14.87
CA LYS A 28 -0.99 -19.86 -14.91
C LYS A 28 -0.68 -20.55 -16.22
N LEU A 29 -0.65 -19.80 -17.31
CA LEU A 29 -0.22 -20.35 -18.61
C LEU A 29 1.27 -20.68 -18.62
N ALA A 30 2.03 -19.96 -17.81
CA ALA A 30 3.46 -20.14 -17.69
C ALA A 30 3.87 -21.23 -16.68
N ALA A 31 2.96 -21.55 -15.75
CA ALA A 31 3.19 -22.65 -14.81
C ALA A 31 3.14 -24.01 -15.54
N PRO A 32 3.84 -25.03 -14.99
CA PRO A 32 3.77 -26.37 -15.61
C PRO A 32 2.33 -26.89 -15.74
N ALA A 44 5.39 -23.41 -28.21
CA ALA A 44 4.58 -22.21 -28.38
C ALA A 44 5.44 -20.96 -28.55
N THR A 45 4.95 -20.01 -29.33
CA THR A 45 5.68 -18.77 -29.61
C THR A 45 4.99 -17.65 -28.87
N ALA A 46 5.67 -16.52 -28.77
CA ALA A 46 5.14 -15.33 -28.13
C ALA A 46 3.81 -14.94 -28.78
N GLU A 47 3.77 -14.97 -30.11
CA GLU A 47 2.54 -14.72 -30.85
C GLU A 47 1.38 -15.64 -30.43
N ASP A 48 1.66 -16.92 -30.19
CA ASP A 48 0.61 -17.87 -29.76
C ASP A 48 -0.05 -17.48 -28.44
N TYR A 49 0.76 -17.18 -27.41
CA TYR A 49 0.27 -16.59 -26.15
C TYR A 49 -0.58 -15.33 -26.37
N GLU A 50 -0.09 -14.38 -27.16
CA GLU A 50 -0.83 -13.13 -27.35
C GLU A 50 -2.17 -13.38 -28.05
N ARG A 51 -2.21 -14.30 -29.02
CA ARG A 51 -3.44 -14.57 -29.76
C ARG A 51 -4.48 -15.20 -28.81
N VAL A 52 -4.00 -16.02 -27.87
CA VAL A 52 -4.90 -16.66 -26.90
C VAL A 52 -5.48 -15.58 -25.98
N ILE A 53 -4.60 -14.72 -25.50
N ILE A 53 -4.62 -14.70 -25.50
CA ILE A 53 -4.96 -13.61 -24.63
CA ILE A 53 -5.09 -13.67 -24.58
C ILE A 53 -6.05 -12.78 -25.31
C ILE A 53 -6.06 -12.70 -25.28
N ALA A 54 -5.80 -12.42 -26.56
CA ALA A 54 -6.71 -11.57 -27.36
C ALA A 54 -8.08 -12.25 -27.49
N TRP A 55 -8.08 -13.55 -27.74
CA TRP A 55 -9.34 -14.31 -27.87
C TRP A 55 -10.08 -14.19 -26.53
N CYS A 56 -9.35 -14.35 -25.44
CA CYS A 56 -10.03 -14.36 -24.13
C CYS A 56 -10.71 -13.01 -23.87
N HIS A 57 -10.03 -11.92 -24.22
CA HIS A 57 -10.62 -10.59 -24.03
C HIS A 57 -11.85 -10.46 -24.95
N GLU A 58 -11.72 -10.88 -26.20
CA GLU A 58 -12.82 -10.71 -27.15
C GLU A 58 -14.09 -11.45 -26.72
N HIS A 59 -13.92 -12.63 -26.13
CA HIS A 59 -15.03 -13.48 -25.73
C HIS A 59 -15.47 -13.37 -24.27
N GLY A 60 -14.88 -12.40 -23.56
CA GLY A 60 -15.32 -12.03 -22.21
C GLY A 60 -14.68 -12.82 -21.07
N TYR A 61 -13.73 -13.69 -21.41
CA TYR A 61 -13.06 -14.51 -20.38
C TYR A 61 -12.01 -13.72 -19.60
N LEU A 62 -11.49 -12.66 -20.20
CA LEU A 62 -10.65 -11.65 -19.50
C LEU A 62 -11.36 -10.33 -19.65
N ASP A 63 -11.31 -9.49 -18.62
CA ASP A 63 -11.76 -8.09 -18.72
C ASP A 63 -11.25 -7.46 -17.43
N ASP A 64 -10.12 -6.77 -17.49
CA ASP A 64 -9.49 -6.26 -16.25
C ASP A 64 -10.33 -5.17 -15.61
N SER A 65 -11.07 -4.40 -16.43
N SER A 65 -11.08 -4.41 -16.44
CA SER A 65 -11.94 -3.34 -15.88
CA SER A 65 -11.96 -3.33 -15.93
C SER A 65 -13.02 -3.97 -15.00
C SER A 65 -13.08 -3.91 -15.06
N ARG A 66 -13.62 -5.06 -15.49
CA ARG A 66 -14.63 -5.80 -14.71
C ARG A 66 -13.94 -6.41 -13.48
N PHE A 67 -12.76 -7.00 -13.68
CA PHE A 67 -12.04 -7.62 -12.57
C PHE A 67 -11.81 -6.61 -11.43
N VAL A 68 -11.25 -5.45 -11.76
CA VAL A 68 -10.90 -4.47 -10.73
C VAL A 68 -12.13 -3.89 -10.01
N ALA A 69 -13.22 -3.60 -10.74
CA ALA A 69 -14.42 -3.10 -10.09
C ALA A 69 -14.92 -4.13 -9.06
N ARG A 70 -14.93 -5.41 -9.42
CA ARG A 70 -15.39 -6.49 -8.51
C ARG A 70 -14.47 -6.63 -7.30
N PHE A 71 -13.17 -6.52 -7.55
CA PHE A 71 -12.15 -6.65 -6.50
C PHE A 71 -12.24 -5.51 -5.47
N ILE A 72 -12.34 -4.28 -5.95
CA ILE A 72 -12.54 -3.14 -5.03
C ILE A 72 -13.76 -3.34 -4.16
N ALA A 73 -14.90 -3.67 -4.77
CA ALA A 73 -16.16 -3.96 -4.05
C ALA A 73 -15.96 -5.02 -2.96
N SER A 74 -15.35 -6.14 -3.33
N SER A 74 -15.34 -6.15 -3.31
CA SER A 74 -15.19 -7.26 -2.40
CA SER A 74 -15.21 -7.27 -2.37
C SER A 74 -14.27 -6.91 -1.24
C SER A 74 -14.22 -7.03 -1.24
N ARG A 75 -13.08 -6.39 -1.54
CA ARG A 75 -12.13 -6.06 -0.48
C ARG A 75 -12.64 -4.96 0.45
N SER A 76 -13.38 -4.00 -0.09
CA SER A 76 -13.96 -2.91 0.72
C SER A 76 -14.98 -3.48 1.72
N ARG A 77 -15.72 -4.49 1.27
CA ARG A 77 -16.68 -5.11 2.16
C ARG A 77 -15.99 -5.90 3.29
N LYS A 78 -14.76 -6.36 3.05
CA LYS A 78 -14.00 -7.10 4.06
C LYS A 78 -13.16 -6.21 5.00
N GLY A 79 -13.35 -4.90 4.92
CA GLY A 79 -12.71 -4.00 5.90
C GLY A 79 -11.30 -3.59 5.57
N TYR A 80 -10.99 -3.54 4.27
CA TYR A 80 -9.72 -2.98 3.77
C TYR A 80 -9.94 -1.65 3.06
N GLY A 81 -8.93 -0.81 3.19
CA GLY A 81 -9.02 0.53 2.65
C GLY A 81 -8.17 0.65 1.38
N PRO A 82 -8.21 1.83 0.76
CA PRO A 82 -7.59 2.03 -0.55
C PRO A 82 -6.09 1.71 -0.64
N ALA A 83 -5.32 2.03 0.41
CA ALA A 83 -3.86 1.88 0.30
C ALA A 83 -3.51 0.37 0.16
N ARG A 84 -4.22 -0.49 0.88
CA ARG A 84 -3.99 -1.95 0.80
C ARG A 84 -4.55 -2.46 -0.52
N ILE A 85 -5.75 -2.00 -0.87
CA ILE A 85 -6.41 -2.50 -2.13
C ILE A 85 -5.54 -2.17 -3.36
N ARG A 86 -5.01 -0.95 -3.42
CA ARG A 86 -4.09 -0.52 -4.51
C ARG A 86 -2.84 -1.42 -4.62
N GLN A 87 -2.24 -1.74 -3.48
N GLN A 87 -2.25 -1.75 -3.49
CA GLN A 87 -1.09 -2.63 -3.43
CA GLN A 87 -1.07 -2.59 -3.51
C GLN A 87 -1.41 -4.02 -3.96
C GLN A 87 -1.40 -4.02 -3.96
N GLU A 88 -2.52 -4.57 -3.49
CA GLU A 88 -2.98 -5.89 -3.93
C GLU A 88 -3.28 -5.88 -5.44
N LEU A 89 -3.91 -4.81 -5.92
CA LEU A 89 -4.18 -4.73 -7.37
C LEU A 89 -2.91 -4.67 -8.19
N ASN A 90 -1.90 -3.98 -7.68
CA ASN A 90 -0.63 -3.88 -8.40
C ASN A 90 0.01 -5.28 -8.53
N GLN A 91 -0.02 -6.04 -7.42
CA GLN A 91 0.45 -7.43 -7.39
C GLN A 91 -0.23 -8.27 -8.46
N LYS A 92 -1.54 -8.03 -8.63
CA LYS A 92 -2.37 -8.74 -9.62
C LYS A 92 -2.12 -8.26 -11.05
N GLY A 93 -1.25 -7.26 -11.21
CA GLY A 93 -0.92 -6.78 -12.56
C GLY A 93 -2.01 -5.94 -13.24
N ILE A 94 -2.87 -5.33 -12.43
CA ILE A 94 -3.85 -4.34 -12.89
C ILE A 94 -3.16 -2.97 -13.06
N SER A 95 -3.37 -2.33 -14.22
CA SER A 95 -2.72 -1.05 -14.50
C SER A 95 -3.17 0.01 -13.50
N ARG A 96 -2.31 0.98 -13.21
CA ARG A 96 -2.72 2.02 -12.27
C ARG A 96 -3.95 2.76 -12.83
N GLU A 97 -3.98 2.90 -14.16
CA GLU A 97 -5.07 3.55 -14.92
C GLU A 97 -6.43 2.89 -14.64
N ALA A 98 -6.48 1.56 -14.81
CA ALA A 98 -7.69 0.79 -14.56
C ALA A 98 -8.11 0.95 -13.09
N THR A 99 -7.11 0.96 -12.19
CA THR A 99 -7.40 1.03 -10.75
C THR A 99 -7.98 2.38 -10.41
N GLU A 100 -7.37 3.42 -10.92
CA GLU A 100 -7.80 4.76 -10.55
C GLU A 100 -9.20 5.09 -11.10
N LYS A 101 -9.50 4.68 -12.32
CA LYS A 101 -10.83 4.79 -12.88
C LYS A 101 -11.88 4.06 -12.04
N ALA A 102 -11.60 2.81 -11.69
CA ALA A 102 -12.55 2.01 -10.92
C ALA A 102 -12.74 2.57 -9.50
N MET A 103 -11.66 3.05 -8.89
CA MET A 103 -11.77 3.74 -7.58
C MET A 103 -12.70 4.93 -7.66
N ARG A 104 -12.50 5.78 -8.68
CA ARG A 104 -13.29 6.99 -8.83
C ARG A 104 -14.75 6.60 -9.04
N GLU A 105 -14.96 5.56 -9.83
CA GLU A 105 -16.31 5.08 -10.17
C GLU A 105 -17.06 4.47 -8.98
N ALA A 106 -16.34 3.82 -8.10
CA ALA A 106 -16.98 3.05 -7.04
C ALA A 106 -17.56 4.06 -6.06
N ASP A 107 -16.88 5.20 -5.92
CA ASP A 107 -17.37 6.33 -5.11
C ASP A 107 -17.77 5.85 -3.70
N ILE A 108 -16.92 4.99 -3.12
N ILE A 108 -16.89 5.00 -3.14
CA ILE A 108 -17.15 4.36 -1.81
CA ILE A 108 -17.06 4.42 -1.81
C ILE A 108 -16.77 5.33 -0.67
C ILE A 108 -16.86 5.51 -0.75
N ASP A 109 -17.65 5.43 0.33
CA ASP A 109 -17.45 6.30 1.50
C ASP A 109 -16.49 5.56 2.46
N TRP A 110 -15.20 5.70 2.19
CA TRP A 110 -14.15 4.98 2.97
C TRP A 110 -14.13 5.41 4.41
N ALA A 111 -14.45 6.67 4.68
CA ALA A 111 -14.49 7.17 6.05
C ALA A 111 -15.61 6.43 6.80
N ALA A 112 -16.73 6.16 6.13
CA ALA A 112 -17.81 5.47 6.81
C ALA A 112 -17.53 3.99 7.06
N LEU A 113 -16.88 3.35 6.10
CA LEU A 113 -16.50 1.94 6.24
C LEU A 113 -15.42 1.75 7.32
N ALA A 114 -14.43 2.67 7.35
CA ALA A 114 -13.43 2.73 8.44
C ALA A 114 -14.10 2.89 9.80
N ARG A 115 -15.03 3.83 9.92
CA ARG A 115 -15.72 4.01 11.18
C ARG A 115 -16.42 2.72 11.62
N ASP A 116 -17.04 2.03 10.67
N ASP A 116 -17.07 2.03 10.67
CA ASP A 116 -17.70 0.74 10.90
CA ASP A 116 -17.69 0.71 10.91
C ASP A 116 -16.74 -0.36 11.41
C ASP A 116 -16.72 -0.33 11.45
N GLN A 117 -15.56 -0.45 10.81
CA GLN A 117 -14.53 -1.41 11.24
C GLN A 117 -14.07 -1.07 12.66
N ALA A 118 -13.97 0.23 12.94
CA ALA A 118 -13.51 0.68 14.24
C ALA A 118 -14.50 0.34 15.34
N THR A 119 -15.79 0.63 15.10
CA THR A 119 -16.81 0.37 16.13
C THR A 119 -16.97 -1.13 16.37
N ARG A 120 -16.80 -1.92 15.32
N ARG A 120 -16.82 -1.94 15.32
CA ARG A 120 -16.85 -3.40 15.40
CA ARG A 120 -16.88 -3.39 15.48
C ARG A 120 -15.76 -3.99 16.29
C ARG A 120 -15.79 -3.84 16.46
N LYS A 121 -14.56 -3.41 16.22
CA LYS A 121 -13.42 -3.87 17.00
C LYS A 121 -13.33 -3.21 18.38
N TYR A 122 -13.69 -1.93 18.44
CA TYR A 122 -13.45 -1.11 19.62
C TYR A 122 -14.70 -0.60 20.35
N GLY A 123 -15.89 -0.89 19.82
CA GLY A 123 -17.15 -0.52 20.46
C GLY A 123 -17.75 0.83 20.02
N GLU A 124 -19.01 1.05 20.39
CA GLU A 124 -19.68 2.30 20.06
C GLU A 124 -20.43 2.76 21.30
N PRO A 125 -20.25 4.03 21.72
CA PRO A 125 -19.40 5.05 21.10
C PRO A 125 -17.93 4.65 21.07
N LEU A 126 -17.18 5.12 20.07
CA LEU A 126 -15.76 4.78 20.01
C LEU A 126 -15.02 5.32 21.24
N PRO A 127 -13.96 4.62 21.68
CA PRO A 127 -13.08 5.19 22.69
C PRO A 127 -12.58 6.55 22.25
N THR A 128 -12.39 7.44 23.21
CA THR A 128 -11.86 8.77 22.89
C THR A 128 -10.56 9.13 23.62
N VAL A 129 -10.19 8.38 24.66
CA VAL A 129 -8.92 8.60 25.39
C VAL A 129 -7.72 8.51 24.42
N PHE A 130 -6.70 9.32 24.63
CA PHE A 130 -5.61 9.48 23.65
C PHE A 130 -4.94 8.14 23.28
N SER A 131 -4.56 7.39 24.30
CA SER A 131 -3.83 6.13 24.08
C SER A 131 -4.65 5.08 23.33
N GLU A 132 -5.97 5.06 23.56
CA GLU A 132 -6.83 4.15 22.79
C GLU A 132 -7.10 4.62 21.34
N LYS A 133 -7.29 5.92 21.16
N LYS A 133 -7.29 5.92 21.15
CA LYS A 133 -7.47 6.46 19.80
CA LYS A 133 -7.46 6.46 19.79
C LYS A 133 -6.27 6.15 18.90
C LYS A 133 -6.26 6.12 18.90
N VAL A 134 -5.06 6.25 19.45
CA VAL A 134 -3.84 5.96 18.69
C VAL A 134 -3.80 4.52 18.18
N LYS A 135 -4.24 3.61 19.06
CA LYS A 135 -4.32 2.19 18.69
C LYS A 135 -5.37 1.98 17.60
N ILE A 136 -6.49 2.66 17.73
CA ILE A 136 -7.54 2.57 16.70
C ILE A 136 -7.05 3.12 15.36
N GLN A 137 -6.35 4.25 15.38
CA GLN A 137 -5.79 4.78 14.13
C GLN A 137 -4.80 3.82 13.50
N ARG A 138 -3.97 3.18 14.32
CA ARG A 138 -2.96 2.25 13.84
C ARG A 138 -3.64 1.08 13.13
N PHE A 139 -4.66 0.51 13.77
CA PHE A 139 -5.42 -0.59 13.20
C PHE A 139 -6.03 -0.23 11.81
N LEU A 140 -6.70 0.91 11.72
CA LEU A 140 -7.31 1.37 10.44
C LEU A 140 -6.26 1.67 9.37
N LEU A 141 -5.14 2.27 9.77
CA LEU A 141 -4.03 2.52 8.79
C LEU A 141 -3.47 1.19 8.29
N TYR A 142 -3.30 0.21 9.18
CA TYR A 142 -2.79 -1.10 8.75
C TYR A 142 -3.76 -1.79 7.77
N ARG A 143 -5.05 -1.58 7.99
CA ARG A 143 -6.14 -2.04 7.09
C ARG A 143 -6.17 -1.35 5.70
N GLY A 144 -5.45 -0.24 5.56
CA GLY A 144 -5.32 0.48 4.26
C GLY A 144 -6.19 1.74 4.17
N TYR A 145 -6.89 2.11 5.25
CA TYR A 145 -7.60 3.39 5.25
C TYR A 145 -6.63 4.57 5.34
N LEU A 146 -6.97 5.68 4.67
CA LEU A 146 -6.09 6.84 4.60
C LEU A 146 -6.23 7.75 5.82
N MET A 147 -5.16 8.46 6.19
CA MET A 147 -5.25 9.37 7.33
C MET A 147 -6.49 10.27 7.16
N GLU A 148 -6.68 10.71 5.92
CA GLU A 148 -7.77 11.58 5.53
C GLU A 148 -9.16 10.93 5.74
N ASP A 149 -9.26 9.62 5.49
CA ASP A 149 -10.44 8.77 5.77
C ASP A 149 -10.71 8.73 7.30
N ILE A 150 -9.62 8.62 8.06
CA ILE A 150 -9.64 8.26 9.50
C ILE A 150 -9.89 9.49 10.38
N GLN A 151 -9.40 10.65 9.93
CA GLN A 151 -9.44 11.90 10.71
C GLN A 151 -10.86 12.28 11.14
N ASP A 152 -11.87 11.88 10.38
CA ASP A 152 -13.23 12.25 10.71
C ASP A 152 -14.12 11.17 11.32
N ILE A 153 -13.58 9.98 11.60
CA ILE A 153 -14.42 8.95 12.24
C ILE A 153 -14.87 9.40 13.65
N TRP A 154 -14.09 10.28 14.27
CA TRP A 154 -14.48 10.87 15.56
C TRP A 154 -15.32 12.13 15.40
N GLY B 1 2.82 22.12 32.16
CA GLY B 1 2.71 21.48 33.51
C GLY B 1 3.49 20.17 33.63
N PRO B 2 3.36 19.49 34.74
CA PRO B 2 4.20 18.33 34.95
C PRO B 2 4.00 17.23 33.93
N ALA B 3 2.77 16.94 33.53
CA ALA B 3 2.55 15.92 32.52
C ALA B 3 3.16 16.31 31.19
N TYR B 4 2.94 17.53 30.77
CA TYR B 4 3.55 18.04 29.55
C TYR B 4 5.09 17.83 29.61
N ALA B 5 5.69 18.26 30.70
CA ALA B 5 7.15 18.21 30.81
C ALA B 5 7.68 16.77 30.72
N ARG B 6 7.03 15.84 31.43
N ARG B 6 7.02 15.84 31.42
CA ARG B 6 7.38 14.41 31.38
CA ARG B 6 7.39 14.42 31.40
C ARG B 6 7.31 13.86 29.96
C ARG B 6 7.26 13.78 30.01
N LEU B 7 6.17 14.11 29.32
CA LEU B 7 5.95 13.69 27.94
C LEU B 7 6.98 14.31 27.00
N LEU B 8 7.33 15.59 27.20
CA LEU B 8 8.29 16.24 26.33
C LEU B 8 9.63 15.53 26.43
N ASP B 9 10.05 15.29 27.67
CA ASP B 9 11.27 14.51 27.88
C ASP B 9 11.21 13.16 27.14
N ARG B 10 10.08 12.48 27.22
CA ARG B 10 9.94 11.18 26.58
C ARG B 10 10.08 11.29 25.06
N ALA B 11 9.39 12.28 24.47
CA ALA B 11 9.35 12.47 23.02
C ALA B 11 10.73 12.79 22.48
N VAL B 12 11.43 13.72 23.12
CA VAL B 12 12.77 14.13 22.67
C VAL B 12 13.76 12.95 22.73
N ARG B 13 13.67 12.15 23.80
CA ARG B 13 14.53 10.97 23.93
C ARG B 13 14.23 9.97 22.80
N ILE B 14 12.95 9.81 22.46
CA ILE B 14 12.55 8.98 21.30
C ILE B 14 13.14 9.55 19.98
N LEU B 15 13.04 10.87 19.79
CA LEU B 15 13.32 11.51 18.50
C LEU B 15 14.73 12.06 18.25
N ALA B 16 15.55 12.22 19.31
CA ALA B 16 16.87 12.85 19.14
C ALA B 16 17.82 12.01 18.29
N VAL B 17 17.51 10.71 18.23
CA VAL B 17 18.43 9.74 17.66
C VAL B 17 17.85 9.05 16.42
N ARG B 18 16.52 9.00 16.31
CA ARG B 18 15.87 8.24 15.23
C ARG B 18 14.65 8.99 14.67
N ASP B 19 14.56 9.06 13.35
CA ASP B 19 13.41 9.73 12.70
C ASP B 19 12.13 8.90 12.77
N HIS B 20 11.02 9.54 13.12
CA HIS B 20 9.71 8.92 13.16
C HIS B 20 8.72 9.83 12.44
N SER B 21 7.68 9.23 11.86
CA SER B 21 6.50 9.99 11.44
C SER B 21 5.81 10.50 12.70
N GLU B 22 4.99 11.53 12.56
CA GLU B 22 4.21 12.01 13.70
C GLU B 22 3.36 10.89 14.26
N GLN B 23 2.72 10.11 13.39
CA GLN B 23 1.93 8.96 13.87
C GLN B 23 2.74 7.92 14.62
N GLU B 24 3.93 7.63 14.15
CA GLU B 24 4.82 6.72 14.88
C GLU B 24 5.11 7.26 16.28
N LEU B 25 5.43 8.55 16.33
CA LEU B 25 5.71 9.19 17.61
C LEU B 25 4.51 9.05 18.58
N ARG B 26 3.30 9.33 18.08
CA ARG B 26 2.09 9.13 18.88
C ARG B 26 2.02 7.74 19.48
N ARG B 27 2.27 6.71 18.66
CA ARG B 27 2.26 5.29 19.08
C ARG B 27 3.21 5.05 20.24
N LYS B 28 4.40 5.61 20.12
CA LYS B 28 5.42 5.40 21.13
C LYS B 28 5.06 6.18 22.39
N LEU B 29 4.52 7.38 22.20
CA LEU B 29 4.24 8.31 23.32
C LEU B 29 3.10 7.90 24.19
N ALA B 30 2.07 7.29 23.60
CA ALA B 30 0.90 6.97 24.37
C ALA B 30 0.92 5.54 24.91
N ALA B 31 1.98 4.79 24.58
CA ALA B 31 2.25 3.46 25.14
C ALA B 31 2.79 3.57 26.58
N PRO B 32 2.54 2.54 27.43
CA PRO B 32 2.93 2.68 28.85
C PRO B 32 4.42 2.90 29.05
N ILE B 33 4.79 3.69 30.05
CA ILE B 33 6.21 3.87 30.34
C ILE B 33 6.62 2.77 31.31
N MET B 34 7.85 2.29 31.19
CA MET B 34 8.38 1.33 32.15
C MET B 34 9.25 2.03 33.20
N GLY B 35 9.09 1.59 34.45
CA GLY B 35 9.89 2.09 35.56
C GLY B 35 10.32 0.94 36.46
N LYS B 36 10.73 1.29 37.68
CA LYS B 36 11.27 0.30 38.64
C LYS B 36 10.24 -0.74 39.08
N ASN B 37 8.98 -0.38 39.03
CA ASN B 37 7.89 -1.23 39.47
C ASN B 37 6.94 -1.68 38.34
N GLY B 38 7.43 -1.72 37.12
CA GLY B 38 6.62 -2.10 35.99
C GLY B 38 6.08 -0.89 35.26
N PRO B 39 4.91 -1.06 34.67
CA PRO B 39 4.23 0.00 33.92
C PRO B 39 4.02 1.20 34.75
N GLU B 40 4.41 2.30 34.19
CA GLU B 40 4.30 3.55 34.92
C GLU B 40 3.27 4.46 34.24
N GLU B 41 2.21 4.86 34.98
CA GLU B 41 1.09 5.63 34.46
C GLU B 41 1.38 7.12 34.45
N ILE B 42 1.13 7.74 33.33
CA ILE B 42 1.31 9.18 33.21
C ILE B 42 -0.03 9.89 32.99
N ASP B 43 -0.34 10.80 33.91
CA ASP B 43 -1.62 11.47 33.99
C ASP B 43 -1.73 12.64 32.99
N ALA B 44 -1.62 12.35 31.70
CA ALA B 44 -1.63 13.39 30.66
C ALA B 44 -3.00 13.53 29.99
N THR B 45 -3.37 14.77 29.65
CA THR B 45 -4.58 15.06 28.87
C THR B 45 -4.22 15.03 27.39
N ALA B 46 -5.26 15.00 26.53
CA ALA B 46 -5.05 15.11 25.08
C ALA B 46 -4.27 16.39 24.74
N GLU B 47 -4.60 17.46 25.46
CA GLU B 47 -3.94 18.74 25.28
C GLU B 47 -2.43 18.65 25.53
N ASP B 48 -2.04 17.91 26.60
CA ASP B 48 -0.63 17.70 26.94
C ASP B 48 0.12 17.06 25.74
N TYR B 49 -0.44 15.99 25.19
CA TYR B 49 0.12 15.32 24.00
C TYR B 49 0.26 16.26 22.80
N GLU B 50 -0.82 16.98 22.49
CA GLU B 50 -0.81 17.91 21.32
C GLU B 50 0.26 19.00 21.49
N ARG B 51 0.39 19.51 22.72
CA ARG B 51 1.41 20.52 23.02
C ARG B 51 2.82 20.00 22.78
N VAL B 52 3.08 18.76 23.21
CA VAL B 52 4.38 18.08 22.99
C VAL B 52 4.62 17.86 21.48
N ILE B 53 3.62 17.32 20.78
N ILE B 53 3.63 17.32 20.77
CA ILE B 53 3.70 17.13 19.33
CA ILE B 53 3.76 17.11 19.33
C ILE B 53 4.05 18.45 18.65
C ILE B 53 4.01 18.44 18.60
N ALA B 54 3.34 19.53 19.03
CA ALA B 54 3.54 20.85 18.41
C ALA B 54 4.98 21.36 18.64
N TRP B 55 5.49 21.17 19.86
CA TRP B 55 6.87 21.51 20.20
C TRP B 55 7.84 20.76 19.32
N CYS B 56 7.61 19.45 19.15
CA CYS B 56 8.51 18.64 18.30
C CYS B 56 8.56 19.16 16.86
N HIS B 57 7.40 19.54 16.32
CA HIS B 57 7.34 20.12 14.98
C HIS B 57 8.12 21.44 14.93
N GLU B 58 7.84 22.34 15.89
CA GLU B 58 8.53 23.64 15.91
C GLU B 58 10.05 23.48 15.93
N HIS B 59 10.52 22.52 16.73
CA HIS B 59 11.96 22.40 16.98
C HIS B 59 12.66 21.39 16.07
N GLY B 60 11.93 20.86 15.11
CA GLY B 60 12.52 20.09 14.01
C GLY B 60 12.71 18.61 14.34
N TYR B 61 12.13 18.17 15.47
CA TYR B 61 12.16 16.74 15.88
C TYR B 61 11.14 15.89 15.14
N LEU B 62 10.06 16.53 14.69
CA LEU B 62 9.17 15.91 13.73
C LEU B 62 9.13 16.77 12.47
N ASP B 63 8.95 16.12 11.33
CA ASP B 63 8.76 16.81 10.06
C ASP B 63 8.40 15.73 9.07
N ASP B 64 7.09 15.53 8.87
CA ASP B 64 6.65 14.43 7.98
C ASP B 64 7.09 14.65 6.52
N SER B 65 7.22 15.90 6.07
N SER B 65 7.21 15.90 6.07
CA SER B 65 7.68 16.15 4.69
CA SER B 65 7.68 16.15 4.69
C SER B 65 9.13 15.68 4.48
C SER B 65 9.12 15.63 4.49
N ARG B 66 9.97 15.88 5.49
CA ARG B 66 11.34 15.40 5.49
C ARG B 66 11.31 13.88 5.55
N PHE B 67 10.53 13.34 6.49
CA PHE B 67 10.40 11.89 6.65
C PHE B 67 10.07 11.16 5.37
N VAL B 68 9.02 11.64 4.71
CA VAL B 68 8.54 10.96 3.50
C VAL B 68 9.59 10.98 2.38
N ALA B 69 10.25 12.14 2.20
CA ALA B 69 11.33 12.28 1.20
C ALA B 69 12.43 11.23 1.45
N ARG B 70 12.90 11.14 2.70
CA ARG B 70 13.97 10.21 3.04
C ARG B 70 13.54 8.76 2.87
N PHE B 71 12.31 8.45 3.27
CA PHE B 71 11.74 7.11 3.15
C PHE B 71 11.65 6.68 1.69
N ILE B 72 11.12 7.53 0.82
CA ILE B 72 11.06 7.20 -0.63
C ILE B 72 12.45 6.93 -1.20
N ALA B 73 13.42 7.77 -0.83
CA ALA B 73 14.79 7.63 -1.34
C ALA B 73 15.34 6.28 -0.90
N SER B 74 15.14 5.92 0.37
CA SER B 74 15.72 4.69 0.94
C SER B 74 15.10 3.47 0.27
N ARG B 75 13.75 3.44 0.24
CA ARG B 75 13.03 2.28 -0.28
C ARG B 75 13.30 2.07 -1.76
N SER B 76 13.33 3.17 -2.52
CA SER B 76 13.60 3.08 -3.97
C SER B 76 14.99 2.50 -4.23
N ARG B 77 15.97 2.92 -3.44
CA ARG B 77 17.31 2.39 -3.59
C ARG B 77 17.44 0.90 -3.23
N LYS B 78 16.53 0.37 -2.41
CA LYS B 78 16.58 -1.06 -2.05
C LYS B 78 15.77 -1.92 -3.05
N GLY B 79 15.32 -1.30 -4.14
CA GLY B 79 14.63 -2.03 -5.21
C GLY B 79 13.13 -2.23 -4.98
N TYR B 80 12.47 -1.33 -4.21
CA TYR B 80 11.01 -1.34 -4.08
C TYR B 80 10.38 -0.23 -4.93
N GLY B 81 9.17 -0.49 -5.42
CA GLY B 81 8.48 0.46 -6.30
C GLY B 81 7.29 1.16 -5.63
N PRO B 82 6.65 2.10 -6.37
CA PRO B 82 5.64 2.99 -5.83
C PRO B 82 4.45 2.34 -5.12
N ALA B 83 3.97 1.21 -5.63
CA ALA B 83 2.75 0.61 -5.06
C ALA B 83 3.03 0.12 -3.63
N ARG B 84 4.21 -0.47 -3.42
CA ARG B 84 4.62 -0.94 -2.11
C ARG B 84 4.95 0.24 -1.18
N ILE B 85 5.75 1.18 -1.68
CA ILE B 85 6.15 2.36 -0.89
C ILE B 85 4.93 3.15 -0.40
N ARG B 86 3.91 3.32 -1.26
CA ARG B 86 2.69 4.04 -0.87
C ARG B 86 1.96 3.36 0.26
N GLN B 87 1.87 2.04 0.20
CA GLN B 87 1.18 1.31 1.25
C GLN B 87 1.96 1.40 2.59
N GLU B 88 3.30 1.31 2.51
CA GLU B 88 4.17 1.38 3.68
C GLU B 88 4.07 2.75 4.33
N LEU B 89 3.98 3.79 3.50
CA LEU B 89 3.85 5.18 4.03
C LEU B 89 2.50 5.36 4.71
N ASN B 90 1.47 4.74 4.14
CA ASN B 90 0.14 4.78 4.76
C ASN B 90 0.16 4.15 6.15
N GLN B 91 0.80 2.97 6.26
CA GLN B 91 0.95 2.29 7.55
C GLN B 91 1.60 3.20 8.59
N LYS B 92 2.55 4.00 8.16
N LYS B 92 2.54 4.01 8.14
CA LYS B 92 3.26 4.89 9.08
CA LYS B 92 3.31 4.94 8.97
C LYS B 92 2.51 6.19 9.34
C LYS B 92 2.51 6.18 9.34
N GLY B 93 1.31 6.32 8.77
CA GLY B 93 0.46 7.48 9.06
C GLY B 93 0.84 8.75 8.33
N ILE B 94 1.61 8.60 7.25
CA ILE B 94 1.88 9.71 6.35
C ILE B 94 0.66 10.05 5.47
N SER B 95 0.27 11.32 5.44
CA SER B 95 -0.92 11.73 4.66
C SER B 95 -0.71 11.46 3.16
N ARG B 96 -1.79 11.13 2.46
CA ARG B 96 -1.64 10.82 1.03
C ARG B 96 -1.12 12.08 0.29
N GLU B 97 -1.53 13.24 0.77
CA GLU B 97 -1.10 14.50 0.20
C GLU B 97 0.42 14.72 0.34
N ALA B 98 0.99 14.42 1.50
CA ALA B 98 2.45 14.43 1.68
C ALA B 98 3.17 13.41 0.76
N THR B 99 2.59 12.23 0.66
CA THR B 99 3.16 11.19 -0.16
C THR B 99 3.19 11.59 -1.64
N GLU B 100 2.06 12.07 -2.14
CA GLU B 100 2.01 12.36 -3.57
C GLU B 100 2.93 13.56 -3.89
N LYS B 101 2.96 14.56 -3.02
CA LYS B 101 3.91 15.67 -3.19
C LYS B 101 5.37 15.16 -3.30
N ALA B 102 5.78 14.33 -2.33
CA ALA B 102 7.15 13.80 -2.31
C ALA B 102 7.46 12.87 -3.48
N MET B 103 6.46 12.09 -3.91
CA MET B 103 6.65 11.25 -5.10
C MET B 103 6.85 12.11 -6.34
N ARG B 104 6.08 13.17 -6.47
CA ARG B 104 6.18 14.08 -7.63
C ARG B 104 7.56 14.75 -7.62
N GLU B 105 8.02 15.16 -6.43
CA GLU B 105 9.28 15.87 -6.26
C GLU B 105 10.54 15.02 -6.42
N ALA B 106 10.46 13.76 -6.00
CA ALA B 106 11.50 12.74 -6.14
C ALA B 106 11.91 12.62 -7.61
N ASP B 107 10.92 12.65 -8.50
CA ASP B 107 11.09 12.50 -9.96
C ASP B 107 12.01 11.30 -10.32
N ILE B 108 11.88 10.22 -9.56
CA ILE B 108 12.68 9.00 -9.71
C ILE B 108 12.34 8.32 -11.02
N ASP B 109 13.34 7.72 -11.66
CA ASP B 109 13.12 6.96 -12.89
C ASP B 109 12.82 5.50 -12.46
N TRP B 110 11.56 5.22 -12.16
CA TRP B 110 11.17 3.90 -11.67
C TRP B 110 11.41 2.82 -12.72
N ALA B 111 11.18 3.12 -14.00
CA ALA B 111 11.49 2.14 -15.06
C ALA B 111 12.97 1.67 -15.07
N ALA B 112 13.89 2.61 -14.91
CA ALA B 112 15.33 2.35 -14.82
C ALA B 112 15.66 1.52 -13.59
N LEU B 113 15.08 1.89 -12.45
CA LEU B 113 15.32 1.16 -11.20
C LEU B 113 14.81 -0.28 -11.31
N ALA B 114 13.61 -0.42 -11.89
CA ALA B 114 13.00 -1.74 -12.14
C ALA B 114 13.89 -2.58 -13.04
N ARG B 115 14.35 -1.98 -14.12
CA ARG B 115 15.21 -2.73 -15.05
C ARG B 115 16.47 -3.24 -14.33
N ASP B 116 17.03 -2.38 -13.48
CA ASP B 116 18.26 -2.69 -12.75
C ASP B 116 18.02 -3.87 -11.81
N GLN B 117 16.92 -3.83 -11.05
CA GLN B 117 16.54 -4.98 -10.23
C GLN B 117 16.42 -6.28 -11.05
N ALA B 118 15.78 -6.16 -12.21
CA ALA B 118 15.52 -7.33 -13.05
C ALA B 118 16.83 -7.90 -13.58
N THR B 119 17.75 -7.04 -14.04
CA THR B 119 19.01 -7.54 -14.62
C THR B 119 19.98 -8.08 -13.56
N ARG B 120 19.97 -7.47 -12.38
CA ARG B 120 20.75 -7.95 -11.23
C ARG B 120 20.40 -9.41 -10.87
N LYS B 121 19.10 -9.71 -10.94
CA LYS B 121 18.59 -11.03 -10.56
C LYS B 121 18.59 -12.04 -11.71
N TYR B 122 18.22 -11.58 -12.92
CA TYR B 122 17.96 -12.48 -14.05
C TYR B 122 18.96 -12.39 -15.22
N GLY B 123 19.93 -11.50 -15.10
CA GLY B 123 20.98 -11.34 -16.09
C GLY B 123 20.59 -10.33 -17.14
N GLU B 124 21.55 -10.00 -18.00
CA GLU B 124 21.35 -8.99 -19.02
C GLU B 124 22.04 -9.44 -20.30
N PRO B 125 21.36 -9.30 -21.46
CA PRO B 125 19.94 -9.00 -21.67
C PRO B 125 19.01 -9.89 -20.83
N LEU B 126 17.82 -9.38 -20.55
CA LEU B 126 16.80 -10.18 -19.82
C LEU B 126 16.36 -11.40 -20.65
N PRO B 127 15.94 -12.48 -19.97
CA PRO B 127 15.26 -13.62 -20.62
C PRO B 127 14.00 -13.18 -21.37
N THR B 128 13.75 -13.76 -22.54
CA THR B 128 12.58 -13.39 -23.36
C THR B 128 11.56 -14.52 -23.55
N VAL B 129 11.92 -15.75 -23.20
CA VAL B 129 10.97 -16.85 -23.34
C VAL B 129 9.78 -16.61 -22.40
N PHE B 130 8.58 -16.93 -22.89
CA PHE B 130 7.33 -16.53 -22.22
C PHE B 130 7.31 -16.74 -20.71
N SER B 131 7.57 -17.97 -20.27
CA SER B 131 7.51 -18.33 -18.85
C SER B 131 8.49 -17.56 -17.95
N GLU B 132 9.70 -17.32 -18.44
CA GLU B 132 10.71 -16.55 -17.72
C GLU B 132 10.28 -15.07 -17.60
N LYS B 133 9.85 -14.47 -18.71
CA LYS B 133 9.34 -13.10 -18.73
C LYS B 133 8.18 -12.86 -17.73
N VAL B 134 7.27 -13.81 -17.62
N VAL B 134 7.27 -13.82 -17.65
CA VAL B 134 6.15 -13.64 -16.71
CA VAL B 134 6.15 -13.69 -16.71
C VAL B 134 6.56 -13.77 -15.24
C VAL B 134 6.66 -13.68 -15.28
N LYS B 135 7.56 -14.61 -14.97
CA LYS B 135 8.13 -14.72 -13.60
C LYS B 135 8.87 -13.42 -13.19
N ILE B 136 9.56 -12.83 -14.15
CA ILE B 136 10.26 -11.54 -13.93
C ILE B 136 9.25 -10.45 -13.64
N GLN B 137 8.19 -10.37 -14.45
CA GLN B 137 7.10 -9.41 -14.24
C GLN B 137 6.46 -9.55 -12.88
N ARG B 138 6.13 -10.79 -12.50
CA ARG B 138 5.58 -11.06 -11.16
C ARG B 138 6.52 -10.53 -10.05
N PHE B 139 7.82 -10.80 -10.20
CA PHE B 139 8.84 -10.36 -9.24
C PHE B 139 8.80 -8.84 -9.07
N LEU B 140 8.82 -8.13 -10.19
CA LEU B 140 8.89 -6.66 -10.12
C LEU B 140 7.58 -6.07 -9.58
N LEU B 141 6.44 -6.66 -10.00
CA LEU B 141 5.12 -6.23 -9.46
C LEU B 141 5.03 -6.42 -7.95
N TYR B 142 5.44 -7.58 -7.46
CA TYR B 142 5.49 -7.79 -6.02
C TYR B 142 6.43 -6.81 -5.27
N ARG B 143 7.52 -6.37 -5.92
N ARG B 143 7.52 -6.38 -5.93
CA ARG B 143 8.41 -5.38 -5.31
CA ARG B 143 8.43 -5.37 -5.35
C ARG B 143 7.79 -3.97 -5.33
C ARG B 143 7.76 -3.98 -5.28
N GLY B 144 6.67 -3.82 -6.04
CA GLY B 144 5.92 -2.57 -6.05
C GLY B 144 6.01 -1.73 -7.30
N TYR B 145 6.77 -2.18 -8.30
CA TYR B 145 6.80 -1.49 -9.58
C TYR B 145 5.44 -1.59 -10.24
N LEU B 146 5.05 -0.51 -10.92
CA LEU B 146 3.77 -0.45 -11.64
C LEU B 146 3.91 -1.12 -13.00
N MET B 147 2.79 -1.64 -13.48
CA MET B 147 2.74 -2.15 -14.87
C MET B 147 3.35 -1.15 -15.85
N GLU B 148 3.02 0.13 -15.64
CA GLU B 148 3.53 1.25 -16.40
C GLU B 148 5.08 1.36 -16.35
N ASP B 149 5.67 1.09 -15.18
CA ASP B 149 7.13 1.06 -15.00
C ASP B 149 7.84 -0.10 -15.75
N ILE B 150 7.16 -1.25 -15.82
N ILE B 150 7.18 -1.25 -15.84
CA ILE B 150 7.73 -2.52 -16.29
CA ILE B 150 7.83 -2.44 -16.37
C ILE B 150 7.39 -2.76 -17.78
C ILE B 150 7.40 -2.76 -17.81
N GLN B 151 6.44 -1.98 -18.29
CA GLN B 151 5.86 -2.08 -19.65
C GLN B 151 6.88 -2.10 -20.80
N ASP B 152 7.93 -1.30 -20.65
CA ASP B 152 8.89 -1.12 -21.74
C ASP B 152 10.29 -1.66 -21.40
N ILE B 153 10.39 -2.38 -20.28
CA ILE B 153 11.64 -2.98 -19.80
C ILE B 153 12.30 -3.95 -20.81
N TRP B 154 11.50 -4.65 -21.61
CA TRP B 154 12.02 -5.50 -22.69
C TRP B 154 12.09 -4.76 -24.02
#